data_2Q7T
#
_entry.id   2Q7T
#
_cell.length_a   44.888
_cell.length_b   88.259
_cell.length_c   127.293
_cell.angle_alpha   90.00
_cell.angle_beta   90.00
_cell.angle_gamma   90.00
#
_symmetry.space_group_name_H-M   'P 21 21 21'
#
loop_
_entity.id
_entity.type
_entity.pdbx_description
1 polymer 'Protein traI'
2 non-polymer 'MAGNESIUM ION'
3 non-polymer "THYMIDINE-5'-PHOSPHATE"
4 water water
#
_entity_poly.entity_id   1
_entity_poly.type   'polypeptide(L)'
_entity_poly.pdbx_seq_one_letter_code
;MMSIAQVRSAGSAGNFYTDKDNYYVLGSMGERWAGRGAEQLGLQGSVDKDVFTRLLEGRLPDGADLSRMQDGSNRHRPGY
DLTFSAPKSVSMMAMLGGDKRLIDAHNQAVDFAVRQVEALASTRVMTDGQSETVLTGNLVMALFNHDTSRDQEPQLHTHA
VVANVTQHNGEWKTLSSDKVGKTGFIENVYANQIAFGRLYREKLKEQVEALGYETEVVGKHGMWEMPGVPVEAFSGRSQT
IREAVGEDASLKSRDVAALDTRKSKQHVDPEIKMAEWMQTLKETGFDIRAYRDAADQRADS
;
_entity_poly.pdbx_strand_id   A,B
#
loop_
_chem_comp.id
_chem_comp.type
_chem_comp.name
_chem_comp.formula
MG non-polymer 'MAGNESIUM ION' 'Mg 2'
TMP non-polymer THYMIDINE-5'-PHOSPHATE 'C10 H15 N2 O8 P'
#
# COMPACT_ATOMS: atom_id res chain seq x y z
N MET A 1 7.65 -8.32 -18.80
CA MET A 1 7.02 -8.69 -20.10
C MET A 1 5.55 -8.26 -20.11
N MET A 2 4.95 -8.25 -21.30
CA MET A 2 3.56 -7.85 -21.43
C MET A 2 2.73 -8.89 -22.17
N SER A 3 1.80 -9.52 -21.45
CA SER A 3 0.93 -10.51 -22.07
C SER A 3 -0.33 -9.81 -22.58
N ILE A 4 -0.94 -10.37 -23.62
CA ILE A 4 -2.14 -9.80 -24.21
C ILE A 4 -3.25 -10.84 -24.36
N ALA A 5 -4.44 -10.49 -23.89
CA ALA A 5 -5.60 -11.37 -23.97
C ALA A 5 -6.87 -10.53 -23.97
N GLN A 6 -7.93 -11.08 -24.56
CA GLN A 6 -9.22 -10.40 -24.61
C GLN A 6 -9.95 -10.62 -23.30
N VAL A 7 -10.60 -9.58 -22.78
CA VAL A 7 -11.35 -9.73 -21.55
C VAL A 7 -12.62 -10.53 -21.87
N ARG A 8 -12.79 -11.62 -21.13
CA ARG A 8 -13.90 -12.56 -21.27
C ARG A 8 -15.29 -11.93 -21.35
N SER A 9 -15.90 -11.71 -20.19
CA SER A 9 -17.22 -11.11 -20.10
C SER A 9 -17.25 -10.14 -18.92
N ALA A 10 -18.03 -9.08 -19.07
CA ALA A 10 -18.18 -8.02 -18.07
C ALA A 10 -18.22 -8.43 -16.60
N GLY A 11 -19.12 -9.34 -16.26
CA GLY A 11 -19.26 -9.79 -14.87
C GLY A 11 -18.12 -10.56 -14.26
N SER A 12 -17.78 -11.70 -14.85
CA SER A 12 -16.70 -12.50 -14.32
C SER A 12 -15.40 -11.70 -14.29
N ALA A 13 -15.27 -10.76 -15.21
CA ALA A 13 -14.09 -9.92 -15.28
C ALA A 13 -14.06 -9.10 -14.00
N GLY A 14 -15.15 -8.37 -13.74
CA GLY A 14 -15.23 -7.57 -12.54
C GLY A 14 -14.79 -8.34 -11.32
N ASN A 15 -15.34 -9.56 -11.16
CA ASN A 15 -15.00 -10.41 -10.03
C ASN A 15 -13.53 -10.83 -9.99
N PHE A 16 -12.96 -11.16 -11.16
CA PHE A 16 -11.58 -11.59 -11.21
C PHE A 16 -10.59 -10.50 -10.79
N TYR A 17 -10.65 -9.36 -11.45
CA TYR A 17 -9.75 -8.24 -11.18
C TYR A 17 -9.79 -7.68 -9.76
N THR A 18 -10.97 -7.73 -9.14
CA THR A 18 -11.10 -7.20 -7.78
C THR A 18 -11.21 -8.29 -6.73
N ASP A 19 -10.98 -9.54 -7.12
CA ASP A 19 -11.04 -10.66 -6.17
C ASP A 19 -9.86 -10.64 -5.20
N LYS A 20 -10.17 -10.40 -3.92
CA LYS A 20 -9.19 -10.31 -2.85
C LYS A 20 -8.13 -11.39 -2.86
N ASP A 21 -8.51 -12.60 -3.25
CA ASP A 21 -7.58 -13.71 -3.29
C ASP A 21 -6.44 -13.53 -4.29
N ASN A 22 -6.59 -12.58 -5.21
CA ASN A 22 -5.57 -12.32 -6.20
C ASN A 22 -4.52 -11.31 -5.73
N TYR A 23 -4.78 -10.66 -4.62
CA TYR A 23 -3.81 -9.68 -4.11
C TYR A 23 -3.69 -9.78 -2.60
N TYR A 24 -3.83 -10.99 -2.08
CA TYR A 24 -3.74 -11.22 -0.65
C TYR A 24 -2.36 -10.89 -0.09
N VAL A 25 -1.32 -11.33 -0.78
CA VAL A 25 0.05 -11.09 -0.34
C VAL A 25 0.39 -9.61 -0.35
N LEU A 26 0.02 -8.93 -1.43
CA LEU A 26 0.26 -7.50 -1.55
C LEU A 26 -0.57 -6.79 -0.48
N GLY A 27 -1.74 -7.34 -0.19
CA GLY A 27 -2.63 -6.74 0.79
C GLY A 27 -3.51 -5.71 0.13
N SER A 28 -3.07 -5.23 -1.04
CA SER A 28 -3.84 -4.24 -1.77
C SER A 28 -3.72 -4.42 -3.28
N MET A 29 -4.81 -4.06 -3.94
CA MET A 29 -4.96 -4.13 -5.38
C MET A 29 -4.33 -2.87 -6.01
N GLY A 30 -4.31 -1.77 -5.25
CA GLY A 30 -3.75 -0.52 -5.72
C GLY A 30 -4.34 -0.06 -7.05
N GLU A 31 -5.58 -0.44 -7.31
CA GLU A 31 -6.21 -0.07 -8.56
C GLU A 31 -6.41 1.43 -8.74
N ARG A 32 -6.36 1.85 -10.00
CA ARG A 32 -6.57 3.24 -10.33
C ARG A 32 -7.01 3.33 -11.77
N TRP A 33 -7.62 4.45 -12.12
CA TRP A 33 -8.02 4.68 -13.50
C TRP A 33 -6.82 5.31 -14.20
N ALA A 34 -6.77 5.20 -15.51
CA ALA A 34 -5.69 5.78 -16.29
C ALA A 34 -6.19 5.97 -17.71
N GLY A 35 -5.49 6.80 -18.46
CA GLY A 35 -5.89 7.05 -19.83
C GLY A 35 -6.59 8.39 -19.95
N ARG A 36 -6.34 9.08 -21.05
CA ARG A 36 -6.96 10.37 -21.28
C ARG A 36 -8.47 10.21 -21.37
N GLY A 37 -8.92 9.02 -21.75
CA GLY A 37 -10.35 8.78 -21.85
C GLY A 37 -11.00 8.82 -20.49
N ALA A 38 -10.30 8.31 -19.48
CA ALA A 38 -10.79 8.28 -18.10
C ALA A 38 -10.90 9.67 -17.50
N GLU A 39 -9.92 10.52 -17.76
CA GLU A 39 -9.97 11.88 -17.22
C GLU A 39 -11.15 12.62 -17.82
N GLN A 40 -11.46 12.35 -19.09
CA GLN A 40 -12.57 12.98 -19.79
C GLN A 40 -13.92 12.54 -19.21
N LEU A 41 -13.94 11.34 -18.62
CA LEU A 41 -15.16 10.81 -18.03
C LEU A 41 -15.24 11.17 -16.56
N GLY A 42 -14.18 11.81 -16.06
CA GLY A 42 -14.17 12.19 -14.66
C GLY A 42 -13.75 11.05 -13.74
N LEU A 43 -13.28 9.95 -14.34
CA LEU A 43 -12.85 8.78 -13.58
C LEU A 43 -11.40 8.92 -13.16
N GLN A 44 -11.16 9.03 -11.86
CA GLN A 44 -9.80 9.17 -11.35
C GLN A 44 -9.66 8.45 -10.01
N GLY A 45 -8.44 8.04 -9.70
CA GLY A 45 -8.17 7.34 -8.45
C GLY A 45 -8.65 5.92 -8.43
N SER A 46 -9.22 5.53 -7.30
CA SER A 46 -9.75 4.18 -7.07
C SER A 46 -10.85 3.80 -8.04
N VAL A 47 -10.96 2.51 -8.30
CA VAL A 47 -11.97 2.01 -9.23
C VAL A 47 -13.14 1.38 -8.52
N ASP A 48 -14.33 1.89 -8.78
CA ASP A 48 -15.55 1.35 -8.21
C ASP A 48 -15.91 0.14 -9.07
N LYS A 49 -16.17 -0.99 -8.43
CA LYS A 49 -16.48 -2.21 -9.16
C LYS A 49 -17.72 -2.13 -10.06
N ASP A 50 -18.79 -1.47 -9.63
CA ASP A 50 -19.98 -1.37 -10.47
C ASP A 50 -19.74 -0.53 -11.70
N VAL A 51 -18.97 0.55 -11.56
CA VAL A 51 -18.67 1.42 -12.68
C VAL A 51 -17.76 0.71 -13.68
N PHE A 52 -16.82 -0.07 -13.16
CA PHE A 52 -15.89 -0.81 -14.00
C PHE A 52 -16.63 -1.87 -14.83
N THR A 53 -17.54 -2.58 -14.16
CA THR A 53 -18.34 -3.63 -14.80
C THR A 53 -19.25 -3.03 -15.87
N ARG A 54 -19.91 -1.92 -15.56
CA ARG A 54 -20.79 -1.33 -16.54
C ARG A 54 -19.98 -0.82 -17.73
N LEU A 55 -18.77 -0.36 -17.47
CA LEU A 55 -17.88 0.13 -18.53
C LEU A 55 -17.56 -1.03 -19.48
N LEU A 56 -17.31 -2.21 -18.91
CA LEU A 56 -16.99 -3.36 -19.74
C LEU A 56 -18.19 -3.80 -20.56
N GLU A 57 -19.37 -3.35 -20.16
CA GLU A 57 -20.60 -3.67 -20.88
C GLU A 57 -20.88 -2.63 -21.94
N GLY A 58 -20.05 -1.60 -21.96
CA GLY A 58 -20.22 -0.53 -22.94
C GLY A 58 -21.05 0.63 -22.42
N ARG A 59 -21.31 0.65 -21.12
CA ARG A 59 -22.11 1.71 -20.52
C ARG A 59 -21.24 2.71 -19.75
N LEU A 60 -21.17 3.94 -20.24
CA LEU A 60 -20.36 4.98 -19.63
C LEU A 60 -21.10 5.88 -18.63
N PRO A 61 -20.40 6.40 -17.62
CA PRO A 61 -21.07 7.28 -16.64
C PRO A 61 -21.49 8.56 -17.36
N ASP A 62 -20.92 8.73 -18.54
CA ASP A 62 -21.14 9.85 -19.46
C ASP A 62 -22.59 9.77 -19.96
N GLY A 63 -23.17 8.58 -19.86
CA GLY A 63 -24.54 8.37 -20.32
C GLY A 63 -24.52 7.61 -21.63
N ALA A 64 -23.38 7.63 -22.31
CA ALA A 64 -23.21 6.93 -23.57
C ALA A 64 -23.32 5.44 -23.32
N ASP A 65 -23.94 4.71 -24.23
CA ASP A 65 -24.10 3.28 -24.09
C ASP A 65 -23.84 2.56 -25.41
N LEU A 66 -22.85 1.66 -25.41
CA LEU A 66 -22.49 0.92 -26.61
C LEU A 66 -22.90 -0.55 -26.54
N SER A 67 -23.68 -0.90 -25.53
CA SER A 67 -24.13 -2.26 -25.40
C SER A 67 -25.06 -2.61 -26.55
N ARG A 68 -25.02 -3.87 -26.98
CA ARG A 68 -25.89 -4.34 -28.05
C ARG A 68 -26.45 -5.65 -27.55
N MET A 69 -27.63 -5.57 -26.95
CA MET A 69 -28.28 -6.76 -26.42
C MET A 69 -28.97 -7.57 -27.51
N GLN A 70 -28.57 -8.83 -27.60
CA GLN A 70 -29.14 -9.76 -28.56
C GLN A 70 -29.54 -10.99 -27.73
N ASP A 71 -30.83 -11.04 -27.40
CA ASP A 71 -31.42 -12.11 -26.60
C ASP A 71 -30.67 -12.43 -25.30
N GLY A 72 -30.57 -11.43 -24.43
CA GLY A 72 -29.89 -11.61 -23.16
C GLY A 72 -28.37 -11.56 -23.21
N SER A 73 -27.80 -11.62 -24.41
CA SER A 73 -26.36 -11.57 -24.56
C SER A 73 -25.89 -10.24 -25.13
N ASN A 74 -24.84 -9.68 -24.52
CA ASN A 74 -24.26 -8.41 -24.93
C ASN A 74 -23.17 -8.74 -25.97
N ARG A 75 -23.27 -8.16 -27.15
CA ARG A 75 -22.28 -8.44 -28.18
C ARG A 75 -21.19 -7.39 -28.26
N HIS A 76 -21.17 -6.50 -27.27
CA HIS A 76 -20.12 -5.48 -27.23
C HIS A 76 -18.92 -6.13 -26.57
N ARG A 77 -17.80 -6.25 -27.29
CA ARG A 77 -16.62 -6.85 -26.70
C ARG A 77 -16.14 -5.95 -25.56
N PRO A 78 -16.01 -6.52 -24.34
CA PRO A 78 -15.57 -5.78 -23.14
C PRO A 78 -14.29 -4.97 -23.30
N GLY A 79 -13.24 -5.58 -23.86
CA GLY A 79 -11.98 -4.89 -24.05
C GLY A 79 -10.76 -5.80 -24.00
N TYR A 80 -9.61 -5.23 -23.67
CA TYR A 80 -8.38 -6.02 -23.61
C TYR A 80 -7.66 -5.96 -22.28
N ASP A 81 -6.92 -7.02 -21.96
CA ASP A 81 -6.15 -7.08 -20.72
C ASP A 81 -4.66 -7.17 -21.07
N LEU A 82 -3.92 -6.11 -20.76
CA LEU A 82 -2.47 -6.11 -21.01
C LEU A 82 -1.84 -6.32 -19.65
N THR A 83 -1.17 -7.45 -19.46
CA THR A 83 -0.54 -7.72 -18.17
C THR A 83 0.95 -7.47 -18.17
N PHE A 84 1.39 -6.64 -17.22
CA PHE A 84 2.80 -6.34 -17.08
C PHE A 84 3.31 -7.10 -15.87
N SER A 85 4.22 -8.03 -16.10
CA SER A 85 4.79 -8.85 -15.05
C SER A 85 6.23 -8.47 -14.73
N ALA A 86 6.49 -8.23 -13.45
CA ALA A 86 7.82 -7.86 -12.99
C ALA A 86 8.70 -9.09 -12.96
N PRO A 87 10.04 -8.89 -12.98
CA PRO A 87 10.89 -10.08 -12.93
C PRO A 87 10.78 -10.72 -11.55
N LYS A 88 10.98 -12.03 -11.49
CA LYS A 88 10.87 -12.78 -10.24
C LYS A 88 11.66 -12.21 -9.05
N SER A 89 12.87 -11.71 -9.29
CA SER A 89 13.68 -11.16 -8.19
C SER A 89 13.05 -9.93 -7.55
N VAL A 90 12.44 -9.09 -8.38
CA VAL A 90 11.77 -7.90 -7.91
C VAL A 90 10.52 -8.28 -7.11
N SER A 91 9.76 -9.24 -7.63
CA SER A 91 8.53 -9.68 -6.96
C SER A 91 8.83 -10.23 -5.58
N MET A 92 9.90 -10.99 -5.48
CA MET A 92 10.31 -11.57 -4.20
C MET A 92 10.73 -10.48 -3.22
N MET A 93 11.57 -9.56 -3.68
CA MET A 93 12.05 -8.48 -2.82
C MET A 93 10.93 -7.54 -2.40
N ALA A 94 9.98 -7.31 -3.30
CA ALA A 94 8.86 -6.42 -3.03
C ALA A 94 7.87 -7.03 -2.06
N MET A 95 7.45 -8.27 -2.34
CA MET A 95 6.45 -8.95 -1.53
C MET A 95 6.95 -9.73 -0.33
N LEU A 96 8.08 -10.41 -0.49
CA LEU A 96 8.64 -11.20 0.58
C LEU A 96 9.80 -10.48 1.26
N GLY A 97 10.42 -9.56 0.52
CA GLY A 97 11.56 -8.82 1.03
C GLY A 97 11.29 -7.53 1.82
N GLY A 98 10.07 -7.02 1.74
CA GLY A 98 9.75 -5.80 2.48
C GLY A 98 9.95 -4.49 1.75
N ASP A 99 10.79 -4.47 0.72
CA ASP A 99 11.01 -3.22 -0.01
C ASP A 99 9.81 -2.81 -0.87
N LYS A 100 8.93 -2.00 -0.30
CA LYS A 100 7.72 -1.54 -0.96
C LYS A 100 7.98 -0.52 -2.08
N ARG A 101 9.14 0.12 -2.04
CA ARG A 101 9.49 1.08 -3.08
C ARG A 101 9.50 0.42 -4.44
N LEU A 102 9.77 -0.87 -4.47
CA LEU A 102 9.80 -1.61 -5.73
C LEU A 102 8.41 -1.78 -6.32
N ILE A 103 7.38 -1.80 -5.47
CA ILE A 103 6.01 -1.93 -5.96
C ILE A 103 5.67 -0.62 -6.67
N ASP A 104 6.07 0.47 -6.03
CA ASP A 104 5.85 1.81 -6.57
C ASP A 104 6.64 1.98 -7.87
N ALA A 105 7.84 1.40 -7.93
CA ALA A 105 8.65 1.50 -9.15
C ALA A 105 7.98 0.71 -10.26
N HIS A 106 7.37 -0.41 -9.88
CA HIS A 106 6.65 -1.25 -10.82
C HIS A 106 5.46 -0.48 -11.40
N ASN A 107 4.74 0.25 -10.55
CA ASN A 107 3.58 1.01 -10.98
C ASN A 107 3.98 2.11 -11.95
N GLN A 108 5.01 2.88 -11.58
CA GLN A 108 5.47 3.97 -12.45
C GLN A 108 5.96 3.47 -13.80
N ALA A 109 6.59 2.31 -13.82
CA ALA A 109 7.07 1.74 -15.08
C ALA A 109 5.86 1.30 -15.92
N VAL A 110 4.84 0.77 -15.26
CA VAL A 110 3.63 0.34 -15.96
C VAL A 110 2.91 1.58 -16.48
N ASP A 111 2.83 2.61 -15.64
CA ASP A 111 2.16 3.84 -16.04
C ASP A 111 2.83 4.40 -17.28
N PHE A 112 4.15 4.36 -17.29
CA PHE A 112 4.91 4.86 -18.42
C PHE A 112 4.60 4.10 -19.71
N ALA A 113 4.66 2.77 -19.65
CA ALA A 113 4.40 1.94 -20.83
C ALA A 113 2.97 2.07 -21.36
N VAL A 114 2.00 2.16 -20.46
CA VAL A 114 0.61 2.28 -20.83
C VAL A 114 0.32 3.58 -21.62
N ARG A 115 1.09 4.63 -21.35
CA ARG A 115 0.93 5.90 -22.06
C ARG A 115 1.29 5.72 -23.53
N GLN A 116 2.35 4.97 -23.79
CA GLN A 116 2.80 4.70 -25.15
C GLN A 116 1.80 3.82 -25.85
N VAL A 117 1.12 2.97 -25.09
CA VAL A 117 0.11 2.10 -25.68
C VAL A 117 -1.07 2.97 -26.09
N GLU A 118 -1.44 3.91 -25.23
CA GLU A 118 -2.56 4.80 -25.48
C GLU A 118 -2.43 5.57 -26.79
N ALA A 119 -1.21 5.89 -27.16
CA ALA A 119 -0.96 6.62 -28.40
C ALA A 119 -1.45 5.85 -29.62
N LEU A 120 -1.59 4.54 -29.50
CA LEU A 120 -2.06 3.75 -30.63
C LEU A 120 -3.58 3.68 -30.69
N ALA A 121 -4.25 4.23 -29.68
CA ALA A 121 -5.70 4.25 -29.64
C ALA A 121 -6.26 4.74 -30.96
N SER A 122 -7.21 3.99 -31.52
CA SER A 122 -7.80 4.34 -32.79
C SER A 122 -9.17 3.73 -32.95
N THR A 123 -9.96 4.29 -33.85
CA THR A 123 -11.30 3.79 -34.10
C THR A 123 -11.51 3.63 -35.60
N ARG A 124 -12.44 2.77 -35.99
CA ARG A 124 -12.69 2.52 -37.41
C ARG A 124 -13.86 3.35 -37.91
N VAL A 125 -13.57 4.29 -38.80
CA VAL A 125 -14.58 5.18 -39.35
C VAL A 125 -14.71 4.99 -40.86
N MET A 126 -15.60 4.12 -41.28
CA MET A 126 -15.80 3.89 -42.70
C MET A 126 -16.54 5.05 -43.34
N THR A 127 -15.84 5.75 -44.23
CA THR A 127 -16.41 6.90 -44.93
C THR A 127 -17.19 6.46 -46.17
N GLN A 130 -15.85 1.83 -47.64
CA GLN A 130 -14.50 1.47 -47.22
C GLN A 130 -14.13 2.09 -45.88
N SER A 131 -13.85 1.23 -44.90
CA SER A 131 -13.47 1.68 -43.57
C SER A 131 -12.02 2.12 -43.56
N GLU A 132 -11.62 2.75 -42.46
CA GLU A 132 -10.26 3.19 -42.29
C GLU A 132 -10.05 3.49 -40.82
N THR A 133 -8.83 3.32 -40.35
CA THR A 133 -8.50 3.56 -38.96
C THR A 133 -8.02 4.97 -38.76
N VAL A 134 -8.54 5.62 -37.74
CA VAL A 134 -8.16 7.00 -37.44
C VAL A 134 -7.65 7.07 -36.01
N LEU A 135 -6.44 7.60 -35.83
CA LEU A 135 -5.86 7.71 -34.50
C LEU A 135 -6.76 8.55 -33.61
N THR A 136 -6.89 8.08 -32.38
CA THR A 136 -7.74 8.69 -31.39
C THR A 136 -6.93 9.24 -30.23
N GLY A 137 -5.87 8.53 -29.85
CA GLY A 137 -5.03 8.98 -28.76
C GLY A 137 -5.59 8.97 -27.35
N ASN A 138 -6.71 8.29 -27.13
CA ASN A 138 -7.28 8.21 -25.77
C ASN A 138 -7.90 6.86 -25.50
N LEU A 139 -7.78 6.43 -24.25
CA LEU A 139 -8.31 5.15 -23.82
C LEU A 139 -8.85 5.28 -22.41
N VAL A 140 -9.67 4.33 -22.00
CA VAL A 140 -10.18 4.31 -20.64
C VAL A 140 -9.60 3.02 -20.07
N MET A 141 -8.82 3.16 -18.99
CA MET A 141 -8.17 2.00 -18.39
C MET A 141 -8.31 1.90 -16.88
N ALA A 142 -8.22 0.66 -16.41
CA ALA A 142 -8.30 0.35 -15.00
C ALA A 142 -7.09 -0.55 -14.73
N LEU A 143 -6.22 -0.15 -13.80
CA LEU A 143 -5.05 -0.95 -13.49
C LEU A 143 -5.23 -1.68 -12.17
N PHE A 144 -5.02 -3.00 -12.17
CA PHE A 144 -5.15 -3.80 -10.94
C PHE A 144 -3.90 -4.61 -10.67
N ASN A 145 -3.40 -4.58 -9.44
CA ASN A 145 -2.21 -5.35 -9.08
C ASN A 145 -2.56 -6.70 -8.46
N HIS A 146 -1.91 -7.75 -8.95
CA HIS A 146 -2.09 -9.08 -8.41
C HIS A 146 -0.71 -9.56 -8.00
N ASP A 147 -0.64 -10.62 -7.18
CA ASP A 147 0.65 -11.10 -6.69
C ASP A 147 1.03 -12.57 -6.93
N THR A 148 0.19 -13.33 -7.64
CA THR A 148 0.47 -14.75 -7.87
C THR A 148 0.41 -15.19 -9.33
N SER A 149 1.34 -16.03 -9.73
CA SER A 149 1.36 -16.54 -11.09
C SER A 149 0.49 -17.78 -11.20
N ARG A 150 0.41 -18.33 -12.39
CA ARG A 150 -0.39 -19.52 -12.63
C ARG A 150 0.14 -20.74 -11.88
N ASP A 151 1.43 -20.74 -11.53
CA ASP A 151 2.04 -21.85 -10.80
C ASP A 151 2.02 -21.65 -9.28
N GLN A 152 1.39 -20.58 -8.82
CA GLN A 152 1.31 -20.27 -7.40
C GLN A 152 2.63 -19.78 -6.81
N GLU A 153 3.44 -19.14 -7.65
CA GLU A 153 4.72 -18.58 -7.22
C GLU A 153 4.55 -17.05 -7.11
N PRO A 154 5.41 -16.39 -6.34
CA PRO A 154 5.30 -14.93 -6.19
C PRO A 154 5.49 -14.23 -7.52
N GLN A 155 4.55 -13.38 -7.90
CA GLN A 155 4.67 -12.63 -9.14
C GLN A 155 3.88 -11.33 -9.14
N LEU A 156 4.62 -10.22 -9.06
CA LEU A 156 4.00 -8.91 -9.08
C LEU A 156 3.65 -8.61 -10.53
N HIS A 157 2.38 -8.37 -10.79
CA HIS A 157 1.93 -8.04 -12.12
C HIS A 157 0.70 -7.16 -12.06
N THR A 158 0.60 -6.30 -13.05
CA THR A 158 -0.51 -5.39 -13.16
C THR A 158 -1.33 -5.73 -14.38
N HIS A 159 -2.64 -5.88 -14.17
CA HIS A 159 -3.58 -6.15 -15.26
C HIS A 159 -4.06 -4.81 -15.76
N ALA A 160 -3.59 -4.39 -16.93
CA ALA A 160 -4.01 -3.13 -17.52
C ALA A 160 -5.21 -3.42 -18.42
N VAL A 161 -6.40 -3.27 -17.88
CA VAL A 161 -7.60 -3.52 -18.63
C VAL A 161 -7.98 -2.28 -19.45
N VAL A 162 -8.06 -2.46 -20.77
CA VAL A 162 -8.40 -1.41 -21.72
C VAL A 162 -9.83 -1.63 -22.21
N ALA A 163 -10.77 -0.82 -21.72
CA ALA A 163 -12.14 -0.97 -22.14
C ALA A 163 -12.24 -0.74 -23.66
N ASN A 164 -13.19 -1.43 -24.30
CA ASN A 164 -13.35 -1.30 -25.73
C ASN A 164 -14.17 -0.07 -26.09
N VAL A 165 -13.62 1.10 -25.76
CA VAL A 165 -14.25 2.38 -26.04
C VAL A 165 -13.20 3.45 -26.29
N THR A 166 -13.58 4.49 -27.01
CA THR A 166 -12.68 5.58 -27.29
C THR A 166 -13.44 6.75 -27.89
N GLN A 167 -13.06 7.95 -27.50
CA GLN A 167 -13.74 9.14 -27.97
C GLN A 167 -13.18 9.70 -29.27
N HIS A 168 -14.05 9.83 -30.26
CA HIS A 168 -13.66 10.37 -31.56
C HIS A 168 -14.67 11.44 -31.94
N ASN A 169 -14.18 12.65 -32.16
CA ASN A 169 -15.03 13.77 -32.51
C ASN A 169 -16.24 13.87 -31.59
N GLY A 170 -15.99 13.77 -30.29
CA GLY A 170 -17.05 13.86 -29.30
C GLY A 170 -17.78 12.58 -28.93
N GLU A 171 -17.97 11.70 -29.89
CA GLU A 171 -18.68 10.45 -29.61
C GLU A 171 -17.78 9.29 -29.16
N TRP A 172 -18.35 8.43 -28.33
CA TRP A 172 -17.62 7.26 -27.84
C TRP A 172 -17.86 6.13 -28.81
N LYS A 173 -16.77 5.54 -29.31
CA LYS A 173 -16.87 4.44 -30.25
C LYS A 173 -15.99 3.29 -29.77
N THR A 174 -16.15 2.14 -30.40
CA THR A 174 -15.36 0.98 -30.06
C THR A 174 -13.96 1.12 -30.65
N LEU A 175 -13.00 0.38 -30.10
CA LEU A 175 -11.64 0.43 -30.58
C LEU A 175 -11.51 -0.27 -31.93
N SER A 176 -10.57 0.21 -32.73
CA SER A 176 -10.31 -0.31 -34.07
C SER A 176 -9.88 -1.78 -34.16
N SER A 177 -10.46 -2.47 -35.13
CA SER A 177 -10.16 -3.87 -35.38
C SER A 177 -9.98 -4.03 -36.89
N ASP A 178 -8.75 -4.28 -37.32
CA ASP A 178 -8.45 -4.45 -38.74
C ASP A 178 -7.58 -5.69 -38.92
N LYS A 179 -8.22 -6.81 -39.22
CA LYS A 179 -7.53 -8.09 -39.40
C LYS A 179 -6.63 -8.15 -40.63
N VAL A 180 -7.19 -7.72 -41.75
CA VAL A 180 -6.46 -7.74 -43.02
C VAL A 180 -5.24 -6.83 -43.09
N GLY A 181 -5.46 -5.53 -42.95
CA GLY A 181 -4.36 -4.59 -43.02
C GLY A 181 -3.57 -4.44 -41.74
N LYS A 182 -4.05 -5.05 -40.67
CA LYS A 182 -3.40 -4.96 -39.37
C LYS A 182 -3.17 -3.51 -38.94
N THR A 183 -4.18 -2.67 -39.18
CA THR A 183 -4.09 -1.26 -38.81
C THR A 183 -4.91 -1.00 -37.54
N GLY A 184 -5.53 -2.05 -37.01
CA GLY A 184 -6.32 -1.89 -35.81
C GLY A 184 -5.48 -1.67 -34.56
N PHE A 185 -6.13 -1.17 -33.51
CA PHE A 185 -5.46 -0.89 -32.24
C PHE A 185 -4.77 -2.13 -31.68
N ILE A 186 -5.55 -3.19 -31.50
CA ILE A 186 -5.05 -4.44 -30.96
C ILE A 186 -3.95 -5.04 -31.83
N GLU A 187 -4.11 -4.93 -33.15
CA GLU A 187 -3.10 -5.46 -34.05
C GLU A 187 -1.79 -4.68 -33.84
N ASN A 188 -1.90 -3.37 -33.70
CA ASN A 188 -0.72 -2.55 -33.48
C ASN A 188 -0.05 -2.86 -32.13
N VAL A 189 -0.84 -3.32 -31.17
CA VAL A 189 -0.32 -3.66 -29.85
C VAL A 189 0.47 -4.97 -29.96
N TYR A 190 -0.12 -5.97 -30.62
CA TYR A 190 0.54 -7.26 -30.81
C TYR A 190 1.89 -7.05 -31.48
N ALA A 191 1.92 -6.25 -32.55
CA ALA A 191 3.16 -5.99 -33.28
C ALA A 191 4.22 -5.27 -32.45
N ASN A 192 3.82 -4.72 -31.31
CA ASN A 192 4.75 -4.02 -30.44
C ASN A 192 4.82 -4.66 -29.06
N GLN A 193 4.22 -5.83 -28.92
CA GLN A 193 4.19 -6.52 -27.63
C GLN A 193 5.55 -6.57 -26.97
N ILE A 194 6.53 -7.11 -27.67
CA ILE A 194 7.89 -7.23 -27.16
C ILE A 194 8.46 -5.87 -26.75
N ALA A 195 8.32 -4.89 -27.64
CA ALA A 195 8.83 -3.55 -27.38
C ALA A 195 8.21 -2.89 -26.14
N PHE A 196 6.89 -3.05 -25.97
CA PHE A 196 6.20 -2.48 -24.82
C PHE A 196 6.67 -3.16 -23.54
N GLY A 197 6.77 -4.49 -23.56
CA GLY A 197 7.24 -5.19 -22.39
C GLY A 197 8.66 -4.76 -22.10
N ARG A 198 9.37 -4.44 -23.17
CA ARG A 198 10.75 -4.00 -23.10
C ARG A 198 10.79 -2.61 -22.43
N LEU A 199 9.91 -1.73 -22.89
CA LEU A 199 9.84 -0.38 -22.37
C LEU A 199 9.56 -0.41 -20.86
N TYR A 200 8.62 -1.24 -20.46
CA TYR A 200 8.28 -1.37 -19.05
C TYR A 200 9.48 -1.87 -18.23
N ARG A 201 10.16 -2.90 -18.73
CA ARG A 201 11.33 -3.48 -18.06
C ARG A 201 12.47 -2.47 -17.92
N GLU A 202 12.70 -1.70 -18.97
CA GLU A 202 13.77 -0.70 -18.96
C GLU A 202 13.47 0.39 -17.97
N LYS A 203 12.21 0.83 -17.93
CA LYS A 203 11.80 1.88 -17.02
C LYS A 203 11.89 1.42 -15.57
N LEU A 204 11.53 0.16 -15.34
CA LEU A 204 11.61 -0.40 -14.00
C LEU A 204 13.09 -0.54 -13.60
N LYS A 205 13.92 -0.94 -14.55
CA LYS A 205 15.35 -1.12 -14.29
C LYS A 205 16.06 0.15 -13.82
N GLU A 206 15.74 1.27 -14.45
CA GLU A 206 16.35 2.54 -14.10
C GLU A 206 16.09 2.87 -12.63
N GLN A 207 14.83 2.70 -12.22
CA GLN A 207 14.43 2.99 -10.84
C GLN A 207 15.04 2.04 -9.81
N VAL A 208 15.05 0.76 -10.10
CA VAL A 208 15.62 -0.22 -9.18
C VAL A 208 17.11 0.04 -9.00
N GLU A 209 17.79 0.45 -10.07
CA GLU A 209 19.21 0.77 -10.01
C GLU A 209 19.45 2.07 -9.25
N ALA A 210 18.46 2.97 -9.26
CA ALA A 210 18.59 4.24 -8.54
C ALA A 210 18.40 3.97 -7.05
N LEU A 211 17.85 2.81 -6.71
CA LEU A 211 17.63 2.44 -5.32
C LEU A 211 18.88 1.74 -4.80
N GLY A 212 19.84 1.54 -5.68
CA GLY A 212 21.08 0.89 -5.27
C GLY A 212 21.16 -0.59 -5.62
N TYR A 213 20.15 -1.09 -6.31
CA TYR A 213 20.11 -2.50 -6.69
C TYR A 213 20.85 -2.78 -7.99
N GLU A 214 21.43 -3.97 -8.07
CA GLU A 214 22.13 -4.39 -9.27
C GLU A 214 21.14 -5.18 -10.11
N THR A 215 21.45 -5.29 -11.40
CA THR A 215 20.62 -6.02 -12.33
C THR A 215 21.57 -6.78 -13.25
N GLU A 216 21.06 -7.83 -13.87
CA GLU A 216 21.85 -8.67 -14.74
C GLU A 216 20.95 -9.29 -15.79
N VAL A 217 21.35 -9.23 -17.06
CA VAL A 217 20.55 -9.80 -18.14
C VAL A 217 20.59 -11.32 -18.09
N VAL A 218 19.41 -11.92 -17.92
CA VAL A 218 19.29 -13.36 -17.85
C VAL A 218 18.56 -13.95 -19.07
N GLY A 219 18.15 -13.09 -20.00
CA GLY A 219 17.45 -13.57 -21.18
C GLY A 219 17.48 -12.60 -22.34
N LYS A 220 16.69 -12.90 -23.37
CA LYS A 220 16.64 -12.05 -24.55
C LYS A 220 15.73 -10.84 -24.36
N HIS A 221 15.96 -9.83 -25.19
CA HIS A 221 15.20 -8.60 -25.16
C HIS A 221 15.43 -7.86 -23.83
N GLY A 222 16.58 -8.11 -23.24
CA GLY A 222 16.93 -7.45 -21.99
C GLY A 222 16.34 -8.02 -20.71
N MET A 223 15.70 -9.19 -20.77
CA MET A 223 15.14 -9.80 -19.55
C MET A 223 16.25 -9.72 -18.49
N TRP A 224 15.89 -9.31 -17.29
CA TRP A 224 16.88 -9.21 -16.23
C TRP A 224 16.36 -9.63 -14.86
N GLU A 225 17.30 -9.88 -13.96
CA GLU A 225 17.03 -10.25 -12.57
C GLU A 225 18.04 -9.51 -11.71
N MET A 226 17.75 -9.40 -10.42
CA MET A 226 18.67 -8.74 -9.48
C MET A 226 19.54 -9.91 -9.05
N PRO A 227 20.86 -9.83 -9.32
CA PRO A 227 21.82 -10.89 -8.95
C PRO A 227 21.81 -11.24 -7.47
N GLY A 228 21.94 -12.53 -7.17
CA GLY A 228 21.97 -12.96 -5.79
C GLY A 228 20.66 -13.42 -5.20
N VAL A 229 19.53 -12.98 -5.75
CA VAL A 229 18.24 -13.38 -5.22
C VAL A 229 17.90 -14.80 -5.67
N PRO A 230 17.55 -15.69 -4.73
CA PRO A 230 17.20 -17.10 -4.97
C PRO A 230 15.97 -17.34 -5.83
N VAL A 231 15.99 -16.85 -7.06
CA VAL A 231 14.87 -17.06 -7.96
C VAL A 231 14.55 -18.55 -8.12
N GLU A 232 15.61 -19.36 -8.12
CA GLU A 232 15.49 -20.81 -8.26
C GLU A 232 14.46 -21.42 -7.34
N ALA A 233 14.46 -21.00 -6.08
CA ALA A 233 13.53 -21.53 -5.09
C ALA A 233 12.06 -21.34 -5.46
N PHE A 234 11.78 -20.34 -6.29
CA PHE A 234 10.41 -20.06 -6.69
C PHE A 234 10.16 -20.27 -8.18
N SER A 235 10.82 -21.27 -8.74
CA SER A 235 10.69 -21.59 -10.16
C SER A 235 10.87 -23.10 -10.32
N GLY A 236 9.97 -23.73 -11.06
CA GLY A 236 10.07 -25.17 -11.27
C GLY A 236 8.73 -25.87 -11.28
N VAL A 268 -5.40 -22.36 -3.01
CA VAL A 268 -6.62 -22.75 -2.30
C VAL A 268 -6.87 -21.84 -1.09
N ASP A 269 -5.81 -21.53 -0.35
CA ASP A 269 -5.90 -20.66 0.81
C ASP A 269 -4.73 -19.66 0.78
N PRO A 270 -5.02 -18.39 0.48
CA PRO A 270 -4.01 -17.34 0.41
C PRO A 270 -3.04 -17.27 1.58
N GLU A 271 -3.58 -17.40 2.79
CA GLU A 271 -2.77 -17.36 3.99
C GLU A 271 -1.76 -18.52 4.06
N ILE A 272 -2.19 -19.71 3.66
CA ILE A 272 -1.28 -20.84 3.69
C ILE A 272 -0.23 -20.70 2.60
N LYS A 273 -0.66 -20.30 1.42
CA LYS A 273 0.26 -20.10 0.31
C LYS A 273 1.37 -19.12 0.74
N MET A 274 0.96 -18.02 1.37
CA MET A 274 1.90 -17.00 1.81
C MET A 274 2.89 -17.56 2.84
N ALA A 275 2.40 -18.35 3.78
CA ALA A 275 3.26 -18.94 4.78
C ALA A 275 4.27 -19.86 4.10
N GLU A 276 3.85 -20.54 3.04
CA GLU A 276 4.76 -21.43 2.33
C GLU A 276 5.87 -20.63 1.69
N TRP A 277 5.52 -19.57 0.97
CA TRP A 277 6.53 -18.75 0.31
C TRP A 277 7.59 -18.30 1.30
N MET A 278 7.15 -17.84 2.47
CA MET A 278 8.07 -17.37 3.48
C MET A 278 8.94 -18.52 4.00
N GLN A 279 8.36 -19.71 4.06
CA GLN A 279 9.09 -20.87 4.54
C GLN A 279 10.16 -21.33 3.57
N THR A 280 9.83 -21.39 2.28
CA THR A 280 10.82 -21.83 1.31
C THR A 280 11.93 -20.78 1.14
N LEU A 281 11.61 -19.53 1.44
CA LEU A 281 12.58 -18.46 1.32
C LEU A 281 13.60 -18.59 2.44
N LYS A 282 13.11 -18.75 3.68
CA LYS A 282 13.99 -18.89 4.84
C LYS A 282 14.96 -20.04 4.65
N GLU A 283 14.49 -21.08 3.98
CA GLU A 283 15.30 -22.25 3.73
C GLU A 283 16.36 -22.06 2.64
N THR A 284 16.31 -20.92 1.94
CA THR A 284 17.31 -20.65 0.90
C THR A 284 18.57 -20.09 1.55
N GLY A 285 18.44 -19.64 2.79
CA GLY A 285 19.57 -19.08 3.49
C GLY A 285 19.91 -17.67 3.06
N PHE A 286 19.10 -17.09 2.19
CA PHE A 286 19.34 -15.73 1.70
C PHE A 286 18.97 -14.66 2.74
N ASP A 287 19.96 -13.83 3.10
CA ASP A 287 19.70 -12.77 4.09
C ASP A 287 19.19 -11.51 3.40
N ILE A 288 17.88 -11.46 3.24
CA ILE A 288 17.18 -10.35 2.62
C ILE A 288 17.56 -8.95 3.11
N ARG A 289 17.51 -8.73 4.41
CA ARG A 289 17.82 -7.42 4.96
C ARG A 289 19.21 -6.93 4.56
N ALA A 290 20.20 -7.80 4.72
CA ALA A 290 21.57 -7.45 4.36
C ALA A 290 21.62 -7.05 2.89
N TYR A 291 20.88 -7.77 2.06
CA TYR A 291 20.84 -7.47 0.63
C TYR A 291 20.31 -6.04 0.44
N ARG A 292 19.28 -5.69 1.20
CA ARG A 292 18.68 -4.37 1.15
C ARG A 292 19.64 -3.28 1.60
N ASP A 293 20.36 -3.54 2.70
CA ASP A 293 21.29 -2.55 3.24
C ASP A 293 22.46 -2.32 2.29
N ALA A 294 22.86 -3.36 1.58
CA ALA A 294 23.98 -3.25 0.64
C ALA A 294 23.54 -2.36 -0.52
N ALA A 295 22.25 -2.39 -0.83
CA ALA A 295 21.72 -1.56 -1.91
C ALA A 295 21.66 -0.11 -1.43
N ASP A 296 21.23 0.10 -0.20
CA ASP A 296 21.14 1.43 0.37
C ASP A 296 22.51 2.09 0.49
N GLN A 297 23.44 1.42 1.16
CA GLN A 297 24.78 1.97 1.34
C GLN A 297 25.50 2.13 0.01
N ARG A 298 24.85 1.70 -1.07
CA ARG A 298 25.43 1.76 -2.41
C ARG A 298 24.66 2.67 -3.35
N ALA A 299 23.58 3.28 -2.86
CA ALA A 299 22.76 4.15 -3.68
C ALA A 299 23.07 5.64 -3.47
N ASP A 300 22.04 6.46 -3.66
CA ASP A 300 22.13 7.90 -3.51
C ASP A 300 23.06 8.52 -4.54
N MET B 1 -3.23 -3.71 13.80
CA MET B 1 -3.16 -3.28 12.40
C MET B 1 -2.86 -1.79 12.31
N MET B 2 -2.73 -1.29 11.09
CA MET B 2 -2.45 0.12 10.88
C MET B 2 -3.66 0.78 10.21
N SER B 3 -4.03 1.95 10.71
CA SER B 3 -5.15 2.70 10.18
C SER B 3 -4.57 3.99 9.66
N ILE B 4 -5.22 4.60 8.68
CA ILE B 4 -4.75 5.85 8.09
C ILE B 4 -5.81 6.94 8.17
N ALA B 5 -5.37 8.16 8.45
CA ALA B 5 -6.27 9.30 8.53
C ALA B 5 -5.46 10.56 8.22
N GLN B 6 -6.12 11.60 7.74
CA GLN B 6 -5.43 12.85 7.43
C GLN B 6 -5.60 13.76 8.64
N VAL B 7 -4.58 14.54 8.95
CA VAL B 7 -4.65 15.49 10.05
C VAL B 7 -5.30 16.73 9.43
N ARG B 8 -6.55 17.01 9.82
CA ARG B 8 -7.32 18.13 9.28
C ARG B 8 -6.86 19.54 9.66
N SER B 9 -6.66 19.77 10.95
CA SER B 9 -6.24 21.08 11.42
C SER B 9 -5.22 21.02 12.55
N ALA B 10 -4.10 21.74 12.38
CA ALA B 10 -3.03 21.77 13.37
C ALA B 10 -3.50 22.20 14.75
N GLY B 11 -4.58 22.97 14.80
CA GLY B 11 -5.10 23.42 16.07
C GLY B 11 -5.57 22.29 16.97
N SER B 12 -6.77 21.78 16.69
CA SER B 12 -7.34 20.69 17.48
C SER B 12 -6.40 19.49 17.53
N ALA B 13 -5.60 19.32 16.50
CA ALA B 13 -4.66 18.20 16.43
C ALA B 13 -3.76 18.10 17.67
N GLY B 14 -2.84 19.04 17.81
CA GLY B 14 -1.93 19.01 18.93
C GLY B 14 -2.61 18.81 20.28
N ASN B 15 -3.82 19.34 20.41
CA ASN B 15 -4.58 19.24 21.65
C ASN B 15 -5.14 17.84 21.87
N PHE B 16 -5.68 17.25 20.80
CA PHE B 16 -6.25 15.92 20.87
C PHE B 16 -5.22 14.84 21.23
N TYR B 17 -4.08 14.90 20.56
CA TYR B 17 -3.02 13.93 20.79
C TYR B 17 -2.37 14.01 22.19
N THR B 18 -2.43 15.18 22.83
CA THR B 18 -1.80 15.33 24.15
C THR B 18 -2.79 15.47 25.31
N ASP B 19 -4.07 15.26 25.07
CA ASP B 19 -5.05 15.37 26.13
C ASP B 19 -4.97 14.11 26.99
N LYS B 20 -4.68 14.29 28.28
CA LYS B 20 -4.51 13.17 29.21
C LYS B 20 -5.64 12.16 29.20
N ASP B 21 -6.86 12.62 28.95
CA ASP B 21 -8.01 11.71 28.93
C ASP B 21 -7.78 10.54 27.96
N ASN B 22 -6.86 10.70 27.01
CA ASN B 22 -6.60 9.66 26.03
C ASN B 22 -5.54 8.63 26.42
N TYR B 23 -4.86 8.83 27.54
CA TYR B 23 -3.84 7.90 27.99
C TYR B 23 -3.80 7.83 29.51
N TYR B 24 -4.96 8.01 30.12
CA TYR B 24 -5.12 7.98 31.57
C TYR B 24 -4.67 6.67 32.20
N VAL B 25 -5.15 5.57 31.62
CA VAL B 25 -4.82 4.25 32.14
C VAL B 25 -3.34 3.95 31.98
N LEU B 26 -2.75 4.44 30.89
CA LEU B 26 -1.32 4.25 30.65
C LEU B 26 -0.56 5.11 31.65
N GLY B 27 -1.05 6.34 31.83
CA GLY B 27 -0.42 7.28 32.74
C GLY B 27 0.52 8.20 31.98
N SER B 28 0.97 7.75 30.81
CA SER B 28 1.87 8.51 29.97
C SER B 28 1.62 8.25 28.49
N MET B 29 2.03 9.18 27.63
CA MET B 29 1.87 9.04 26.18
C MET B 29 3.10 8.35 25.60
N GLY B 30 4.24 8.59 26.23
CA GLY B 30 5.47 8.01 25.73
C GLY B 30 5.76 8.68 24.41
N GLU B 31 5.41 9.96 24.31
CA GLU B 31 5.62 10.72 23.08
C GLU B 31 7.09 10.87 22.71
N ARG B 32 7.38 10.62 21.44
CA ARG B 32 8.74 10.74 20.97
C ARG B 32 8.75 11.06 19.49
N TRP B 33 9.78 11.79 19.08
CA TRP B 33 9.96 12.12 17.68
C TRP B 33 10.55 10.85 17.03
N ALA B 34 10.47 10.78 15.71
CA ALA B 34 11.00 9.64 14.97
C ALA B 34 11.18 10.09 13.53
N GLY B 35 11.98 9.33 12.78
CA GLY B 35 12.24 9.66 11.39
C GLY B 35 13.56 10.39 11.21
N ARG B 36 14.15 10.22 10.03
CA ARG B 36 15.42 10.85 9.68
C ARG B 36 15.28 12.36 9.52
N GLY B 37 14.06 12.81 9.25
CA GLY B 37 13.82 14.23 9.08
C GLY B 37 13.87 14.91 10.44
N ALA B 38 13.27 14.25 11.42
CA ALA B 38 13.23 14.76 12.78
C ALA B 38 14.65 14.97 13.25
N GLU B 39 15.45 13.93 13.05
CA GLU B 39 16.85 13.91 13.42
C GLU B 39 17.58 15.08 12.79
N GLN B 40 17.26 15.35 11.52
CA GLN B 40 17.89 16.43 10.79
C GLN B 40 17.44 17.82 11.28
N LEU B 41 16.31 17.87 11.97
CA LEU B 41 15.79 19.14 12.49
C LEU B 41 16.13 19.31 13.97
N GLY B 42 16.92 18.39 14.51
CA GLY B 42 17.30 18.46 15.91
C GLY B 42 16.16 18.09 16.85
N LEU B 43 15.19 17.31 16.35
CA LEU B 43 14.07 16.91 17.19
C LEU B 43 14.29 15.48 17.68
N GLN B 44 14.74 15.34 18.92
CA GLN B 44 14.99 14.02 19.47
C GLN B 44 14.37 13.87 20.86
N GLY B 45 13.95 12.67 21.20
CA GLY B 45 13.35 12.43 22.48
C GLY B 45 11.93 12.94 22.61
N SER B 46 11.56 13.33 23.82
CA SER B 46 10.24 13.85 24.12
C SER B 46 9.80 14.90 23.11
N VAL B 47 8.49 14.97 22.88
CA VAL B 47 7.91 15.91 21.92
C VAL B 47 7.37 17.16 22.61
N ASP B 48 7.68 18.32 22.05
CA ASP B 48 7.17 19.59 22.58
C ASP B 48 5.88 19.92 21.83
N LYS B 49 4.78 20.10 22.57
CA LYS B 49 3.49 20.41 21.98
C LYS B 49 3.56 21.55 20.97
N ASP B 50 4.03 22.71 21.42
CA ASP B 50 4.14 23.89 20.56
C ASP B 50 4.97 23.65 19.31
N VAL B 51 6.08 22.93 19.43
CA VAL B 51 6.88 22.64 18.25
C VAL B 51 6.07 21.74 17.35
N PHE B 52 5.35 20.80 17.97
CA PHE B 52 4.51 19.86 17.23
C PHE B 52 3.42 20.63 16.47
N THR B 53 2.87 21.65 17.11
CA THR B 53 1.83 22.47 16.50
C THR B 53 2.37 23.28 15.32
N ARG B 54 3.40 24.08 15.56
CA ARG B 54 4.01 24.89 14.50
C ARG B 54 4.32 24.02 13.29
N LEU B 55 4.78 22.80 13.58
CA LEU B 55 5.15 21.84 12.54
C LEU B 55 3.94 21.46 11.68
N LEU B 56 2.79 21.18 12.31
CA LEU B 56 1.57 20.83 11.58
C LEU B 56 1.07 22.02 10.74
N GLU B 57 1.42 23.24 11.15
CA GLU B 57 1.00 24.44 10.43
C GLU B 57 2.00 24.82 9.34
N GLY B 58 2.88 23.90 9.00
CA GLY B 58 3.87 24.18 7.97
C GLY B 58 5.03 25.05 8.40
N ARG B 59 5.22 25.20 9.71
CA ARG B 59 6.31 26.01 10.22
C ARG B 59 7.31 25.16 10.99
N LEU B 60 8.42 24.87 10.33
CA LEU B 60 9.49 24.07 10.91
C LEU B 60 9.96 24.65 12.23
N PRO B 61 10.82 23.92 12.96
CA PRO B 61 11.30 24.48 14.23
C PRO B 61 12.01 25.75 13.76
N ASP B 62 12.42 26.60 14.68
CA ASP B 62 13.07 27.83 14.22
C ASP B 62 14.08 27.58 13.10
N GLY B 63 14.19 28.57 12.22
CA GLY B 63 15.02 28.44 11.03
C GLY B 63 13.95 27.88 10.12
N ALA B 64 12.72 28.05 10.61
CA ALA B 64 11.48 27.59 10.00
C ALA B 64 11.07 28.18 8.65
N ASP B 65 9.75 28.25 8.45
CA ASP B 65 9.14 28.76 7.23
C ASP B 65 8.05 29.77 7.56
N SER B 73 2.40 22.23 -5.48
CA SER B 73 1.65 23.13 -4.60
C SER B 73 0.24 22.65 -4.28
N ASN B 74 -0.14 21.48 -4.79
CA ASN B 74 -1.45 20.91 -4.49
C ASN B 74 -1.33 20.41 -3.07
N ARG B 75 -0.77 21.27 -2.21
CA ARG B 75 -0.49 20.98 -0.81
C ARG B 75 -0.83 22.15 0.14
N HIS B 76 -1.46 21.82 1.27
CA HIS B 76 -1.83 22.79 2.31
C HIS B 76 -2.45 22.02 3.48
N ARG B 77 -1.98 20.79 3.68
CA ARG B 77 -2.49 19.89 4.73
C ARG B 77 -1.47 19.63 5.83
N PRO B 78 -1.93 19.63 7.09
CA PRO B 78 -1.11 19.40 8.29
C PRO B 78 -0.24 18.15 8.26
N GLY B 79 -0.79 17.03 7.82
CA GLY B 79 -0.02 15.80 7.77
C GLY B 79 -0.87 14.54 7.84
N TYR B 80 -0.26 13.44 8.26
CA TYR B 80 -1.01 12.19 8.33
C TYR B 80 -0.86 11.48 9.66
N ASP B 81 -1.86 10.67 9.98
CA ASP B 81 -1.90 9.91 11.20
C ASP B 81 -2.00 8.41 10.90
N LEU B 82 -0.96 7.68 11.24
CA LEU B 82 -0.93 6.24 11.01
C LEU B 82 -1.03 5.66 12.41
N THR B 83 -2.16 5.03 12.71
CA THR B 83 -2.40 4.46 14.02
C THR B 83 -2.10 2.97 14.02
N PHE B 84 -1.32 2.53 15.01
CA PHE B 84 -0.99 1.12 15.15
C PHE B 84 -1.62 0.60 16.43
N SER B 85 -2.51 -0.39 16.29
CA SER B 85 -3.23 -0.98 17.42
C SER B 85 -2.72 -2.38 17.77
N ALA B 86 -2.50 -2.64 19.04
CA ALA B 86 -2.03 -3.94 19.47
C ALA B 86 -3.23 -4.87 19.57
N PRO B 87 -2.98 -6.19 19.65
CA PRO B 87 -4.12 -7.11 19.77
C PRO B 87 -4.76 -6.94 21.14
N LYS B 88 -6.08 -7.13 21.20
CA LYS B 88 -6.82 -7.00 22.45
C LYS B 88 -6.16 -7.68 23.65
N SER B 89 -5.63 -8.88 23.46
CA SER B 89 -4.99 -9.59 24.56
C SER B 89 -3.77 -8.85 25.08
N VAL B 90 -2.97 -8.28 24.18
CA VAL B 90 -1.78 -7.52 24.58
C VAL B 90 -2.19 -6.28 25.36
N SER B 91 -3.17 -5.55 24.86
CA SER B 91 -3.64 -4.35 25.54
C SER B 91 -4.13 -4.70 26.93
N MET B 92 -4.89 -5.79 27.04
CA MET B 92 -5.39 -6.22 28.34
C MET B 92 -4.23 -6.59 29.26
N MET B 93 -3.33 -7.41 28.75
CA MET B 93 -2.18 -7.87 29.52
C MET B 93 -1.24 -6.75 29.96
N ALA B 94 -1.16 -5.69 29.17
CA ALA B 94 -0.29 -4.55 29.45
C ALA B 94 -0.87 -3.54 30.43
N MET B 95 -2.15 -3.21 30.26
CA MET B 95 -2.79 -2.24 31.14
C MET B 95 -3.53 -2.89 32.31
N LEU B 96 -4.34 -3.90 32.01
CA LEU B 96 -5.07 -4.61 33.06
C LEU B 96 -4.23 -5.68 33.72
N GLY B 97 -3.34 -6.30 32.94
CA GLY B 97 -2.47 -7.35 33.45
C GLY B 97 -1.18 -6.84 34.06
N GLY B 98 -0.92 -5.55 33.92
CA GLY B 98 0.28 -4.96 34.47
C GLY B 98 1.63 -5.25 33.83
N ASP B 99 1.69 -6.11 32.82
CA ASP B 99 2.98 -6.41 32.19
C ASP B 99 3.42 -5.23 31.31
N LYS B 100 4.22 -4.34 31.89
CA LYS B 100 4.71 -3.17 31.18
C LYS B 100 5.70 -3.40 30.05
N ARG B 101 6.23 -4.62 29.95
CA ARG B 101 7.18 -4.94 28.87
C ARG B 101 6.44 -5.02 27.53
N LEU B 102 5.16 -5.33 27.59
CA LEU B 102 4.35 -5.43 26.38
C LEU B 102 4.24 -4.05 25.74
N ILE B 103 4.17 -3.02 26.58
CA ILE B 103 4.08 -1.66 26.10
C ILE B 103 5.39 -1.32 25.40
N ASP B 104 6.49 -1.75 26.01
CA ASP B 104 7.82 -1.53 25.47
C ASP B 104 7.94 -2.27 24.13
N ALA B 105 7.37 -3.47 24.06
CA ALA B 105 7.39 -4.29 22.85
C ALA B 105 6.55 -3.64 21.76
N HIS B 106 5.44 -3.02 22.17
CA HIS B 106 4.57 -2.34 21.23
C HIS B 106 5.29 -1.14 20.59
N ASN B 107 6.03 -0.38 21.39
CA ASN B 107 6.73 0.80 20.86
C ASN B 107 7.81 0.41 19.86
N GLN B 108 8.51 -0.69 20.13
CA GLN B 108 9.57 -1.14 19.25
C GLN B 108 9.00 -1.66 17.93
N ALA B 109 7.81 -2.25 17.99
CA ALA B 109 7.19 -2.75 16.77
C ALA B 109 6.76 -1.55 15.94
N VAL B 110 6.29 -0.49 16.60
CA VAL B 110 5.89 0.69 15.87
C VAL B 110 7.13 1.34 15.25
N ASP B 111 8.21 1.46 16.02
CA ASP B 111 9.43 2.07 15.50
C ASP B 111 9.97 1.30 14.31
N PHE B 112 9.72 0.00 14.27
CA PHE B 112 10.18 -0.85 13.18
C PHE B 112 9.34 -0.68 11.91
N ALA B 113 8.03 -0.60 12.07
CA ALA B 113 7.11 -0.44 10.94
C ALA B 113 7.18 0.98 10.39
N VAL B 114 7.28 1.93 11.29
CA VAL B 114 7.36 3.34 10.92
C VAL B 114 8.66 3.65 10.15
N ARG B 115 9.67 2.80 10.31
CA ARG B 115 10.93 3.01 9.65
C ARG B 115 10.75 2.60 8.19
N GLN B 116 9.91 1.59 7.97
CA GLN B 116 9.64 1.12 6.62
C GLN B 116 8.72 2.08 5.88
N VAL B 117 7.84 2.75 6.60
CA VAL B 117 6.94 3.71 5.99
C VAL B 117 7.77 4.87 5.45
N GLU B 118 8.80 5.25 6.19
CA GLU B 118 9.68 6.35 5.82
C GLU B 118 10.35 6.17 4.45
N ALA B 119 10.78 4.95 4.15
CA ALA B 119 11.41 4.68 2.87
C ALA B 119 10.54 5.12 1.68
N LEU B 120 9.23 5.32 1.91
CA LEU B 120 8.33 5.76 0.86
C LEU B 120 8.21 7.29 0.79
N ALA B 121 8.85 7.98 1.73
CA ALA B 121 8.81 9.44 1.76
C ALA B 121 9.17 9.94 0.36
N SER B 122 8.40 10.90 -0.14
CA SER B 122 8.66 11.43 -1.48
C SER B 122 8.14 12.85 -1.61
N THR B 123 8.65 13.58 -2.59
CA THR B 123 8.20 14.96 -2.80
C THR B 123 8.01 15.21 -4.29
N ARG B 124 7.20 16.21 -4.60
CA ARG B 124 6.94 16.51 -6.00
C ARG B 124 7.87 17.64 -6.43
N VAL B 125 8.65 17.38 -7.47
CA VAL B 125 9.57 18.37 -8.00
C VAL B 125 9.43 18.44 -9.52
N MET B 126 8.90 19.55 -10.03
CA MET B 126 8.72 19.68 -11.46
C MET B 126 9.93 20.27 -12.16
N THR B 127 10.33 19.60 -13.24
CA THR B 127 11.46 20.02 -14.05
C THR B 127 11.06 19.81 -15.50
N ASP B 128 11.55 20.68 -16.38
CA ASP B 128 11.22 20.59 -17.80
C ASP B 128 9.73 20.87 -18.00
N GLY B 129 9.19 21.76 -17.18
CA GLY B 129 7.78 22.11 -17.29
C GLY B 129 6.84 20.95 -17.02
N GLN B 130 7.34 19.95 -16.29
CA GLN B 130 6.53 18.78 -15.96
C GLN B 130 6.84 18.29 -14.55
N SER B 131 5.79 18.00 -13.79
CA SER B 131 5.94 17.54 -12.41
C SER B 131 6.16 16.03 -12.32
N GLU B 132 6.93 15.64 -11.31
CA GLU B 132 7.22 14.23 -11.09
C GLU B 132 7.50 14.00 -9.62
N THR B 133 7.24 12.78 -9.16
CA THR B 133 7.47 12.41 -7.78
C THR B 133 8.87 11.84 -7.62
N VAL B 134 9.55 12.27 -6.56
CA VAL B 134 10.90 11.79 -6.29
C VAL B 134 11.01 11.36 -4.83
N LEU B 135 11.79 10.31 -4.58
CA LEU B 135 11.98 9.77 -3.24
C LEU B 135 13.01 10.52 -2.43
N THR B 136 12.67 10.79 -1.17
CA THR B 136 13.53 11.51 -0.25
C THR B 136 13.94 10.60 0.91
N GLY B 137 13.08 9.64 1.24
CA GLY B 137 13.37 8.70 2.30
C GLY B 137 13.43 9.24 3.72
N ASN B 138 12.87 10.43 3.96
CA ASN B 138 12.89 10.98 5.31
C ASN B 138 11.60 11.66 5.69
N LEU B 139 11.21 11.43 6.95
CA LEU B 139 9.98 12.00 7.48
C LEU B 139 10.22 12.62 8.84
N VAL B 140 9.27 13.42 9.28
CA VAL B 140 9.32 14.01 10.61
C VAL B 140 8.04 13.51 11.29
N MET B 141 8.20 12.61 12.25
CA MET B 141 7.06 12.03 12.95
C MET B 141 7.02 12.27 14.46
N ALA B 142 5.80 12.27 15.00
CA ALA B 142 5.59 12.41 16.44
C ALA B 142 4.70 11.21 16.80
N LEU B 143 5.16 10.40 17.75
CA LEU B 143 4.40 9.21 18.16
C LEU B 143 3.78 9.36 19.54
N PHE B 144 2.45 9.20 19.59
CA PHE B 144 1.74 9.33 20.86
C PHE B 144 0.99 8.05 21.17
N ASN B 145 1.13 7.56 22.40
CA ASN B 145 0.40 6.37 22.80
C ASN B 145 -0.92 6.74 23.48
N HIS B 146 -1.97 6.01 23.14
CA HIS B 146 -3.30 6.19 23.72
C HIS B 146 -3.76 4.79 24.16
N ASP B 147 -4.85 4.69 24.90
CA ASP B 147 -5.27 3.37 25.41
C ASP B 147 -6.73 2.98 25.31
N THR B 148 -7.57 3.86 24.79
CA THR B 148 -8.98 3.55 24.72
C THR B 148 -9.52 3.43 23.31
N SER B 149 -10.33 2.39 23.09
CA SER B 149 -10.93 2.16 21.79
C SER B 149 -12.10 3.11 21.59
N ARG B 150 -12.67 3.06 20.40
CA ARG B 150 -13.83 3.89 20.06
C ARG B 150 -15.02 3.58 20.96
N ASP B 151 -15.11 2.31 21.40
CA ASP B 151 -16.20 1.87 22.26
C ASP B 151 -15.85 1.81 23.75
N GLN B 152 -14.89 2.62 24.17
CA GLN B 152 -14.47 2.66 25.57
C GLN B 152 -13.88 1.34 26.04
N GLU B 153 -13.23 0.61 25.14
CA GLU B 153 -12.61 -0.67 25.46
C GLU B 153 -11.09 -0.48 25.55
N PRO B 154 -10.37 -1.48 26.10
CA PRO B 154 -8.92 -1.37 26.20
C PRO B 154 -8.24 -1.53 24.85
N GLN B 155 -7.47 -0.54 24.43
CA GLN B 155 -6.78 -0.64 23.15
C GLN B 155 -5.49 0.16 23.16
N LEU B 156 -4.39 -0.54 23.32
CA LEU B 156 -3.08 0.08 23.30
C LEU B 156 -2.79 0.45 21.84
N HIS B 157 -2.68 1.74 21.55
CA HIS B 157 -2.38 2.13 20.18
C HIS B 157 -1.51 3.36 20.11
N THR B 158 -0.78 3.50 19.01
CA THR B 158 0.10 4.63 18.83
C THR B 158 -0.28 5.41 17.59
N HIS B 159 -0.34 6.73 17.77
CA HIS B 159 -0.65 7.62 16.67
C HIS B 159 0.69 8.15 16.18
N ALA B 160 1.12 7.68 15.02
CA ALA B 160 2.36 8.13 14.43
C ALA B 160 1.95 9.24 13.46
N VAL B 161 2.05 10.47 13.93
CA VAL B 161 1.68 11.62 13.12
C VAL B 161 2.87 12.02 12.27
N VAL B 162 2.63 12.08 10.96
CA VAL B 162 3.66 12.44 10.00
C VAL B 162 3.36 13.82 9.48
N ALA B 163 4.19 14.79 9.85
CA ALA B 163 4.01 16.16 9.38
C ALA B 163 4.20 16.19 7.88
N ASN B 164 3.45 17.03 7.20
CA ASN B 164 3.56 17.14 5.75
C ASN B 164 4.84 17.87 5.37
N VAL B 165 5.97 17.32 5.79
CA VAL B 165 7.26 17.92 5.49
C VAL B 165 8.32 16.86 5.21
N THR B 166 9.27 17.20 4.35
CA THR B 166 10.36 16.29 4.01
C THR B 166 11.50 17.09 3.40
N GLN B 167 12.73 16.63 3.61
CA GLN B 167 13.88 17.33 3.08
C GLN B 167 14.42 16.70 1.79
N HIS B 168 14.54 17.51 0.75
CA HIS B 168 15.07 17.05 -0.52
C HIS B 168 16.02 18.09 -1.08
N ASN B 169 17.28 17.70 -1.26
CA ASN B 169 18.30 18.60 -1.77
C ASN B 169 18.59 19.77 -0.84
N GLY B 170 18.31 19.58 0.45
CA GLY B 170 18.53 20.63 1.42
C GLY B 170 17.29 21.42 1.74
N GLU B 171 16.45 21.64 0.74
CA GLU B 171 15.21 22.39 0.95
C GLU B 171 14.13 21.53 1.58
N TRP B 172 13.28 22.18 2.38
CA TRP B 172 12.19 21.48 3.04
C TRP B 172 10.93 21.66 2.21
N LYS B 173 10.47 20.58 1.59
CA LYS B 173 9.27 20.63 0.78
C LYS B 173 8.21 19.75 1.42
N THR B 174 6.99 19.84 0.93
CA THR B 174 5.91 19.04 1.46
C THR B 174 5.97 17.62 0.88
N LEU B 175 5.16 16.72 1.43
CA LEU B 175 5.14 15.35 0.94
C LEU B 175 4.33 15.32 -0.35
N SER B 176 4.69 14.41 -1.23
CA SER B 176 4.03 14.27 -2.50
C SER B 176 2.65 13.64 -2.38
N SER B 177 1.72 14.14 -3.20
CA SER B 177 0.37 13.61 -3.26
C SER B 177 -0.03 13.53 -4.72
N ASP B 178 -0.58 12.39 -5.11
CA ASP B 178 -0.99 12.19 -6.50
C ASP B 178 -2.16 11.20 -6.56
N LYS B 179 -3.37 11.74 -6.41
CA LYS B 179 -4.60 10.95 -6.43
C LYS B 179 -4.76 10.18 -7.75
N VAL B 180 -4.44 10.85 -8.85
CA VAL B 180 -4.54 10.23 -10.17
C VAL B 180 -3.20 9.59 -10.47
N GLY B 181 -3.14 8.27 -10.40
CA GLY B 181 -1.87 7.62 -10.66
C GLY B 181 -1.27 7.07 -9.37
N LYS B 182 -1.88 7.44 -8.24
CA LYS B 182 -1.48 7.00 -6.90
C LYS B 182 0.01 6.79 -6.70
N THR B 183 0.83 7.79 -7.01
CA THR B 183 2.27 7.66 -6.86
C THR B 183 2.83 8.47 -5.70
N GLY B 184 1.96 9.23 -5.03
CA GLY B 184 2.44 10.04 -3.93
C GLY B 184 2.70 9.21 -2.69
N PHE B 185 3.17 9.89 -1.64
CA PHE B 185 3.47 9.26 -0.37
C PHE B 185 2.28 8.56 0.26
N ILE B 186 1.29 9.35 0.67
CA ILE B 186 0.12 8.78 1.32
C ILE B 186 -0.60 7.76 0.44
N GLU B 187 -0.55 7.93 -0.88
CA GLU B 187 -1.19 6.96 -1.78
C GLU B 187 -0.48 5.62 -1.64
N ASN B 188 0.85 5.63 -1.57
CA ASN B 188 1.61 4.39 -1.42
C ASN B 188 1.44 3.76 -0.04
N VAL B 189 1.21 4.58 0.97
CA VAL B 189 1.02 4.06 2.31
C VAL B 189 -0.33 3.32 2.33
N TYR B 190 -1.33 3.90 1.69
CA TYR B 190 -2.66 3.29 1.60
C TYR B 190 -2.58 1.94 0.91
N ALA B 191 -1.83 1.87 -0.18
CA ALA B 191 -1.68 0.64 -0.95
C ALA B 191 -0.93 -0.43 -0.16
N ASN B 192 -0.16 -0.02 0.83
CA ASN B 192 0.58 -0.97 1.64
C ASN B 192 0.08 -1.05 3.08
N GLN B 193 -1.07 -0.45 3.34
CA GLN B 193 -1.65 -0.43 4.68
C GLN B 193 -1.67 -1.79 5.39
N ILE B 194 -2.17 -2.82 4.72
CA ILE B 194 -2.21 -4.14 5.32
C ILE B 194 -0.80 -4.69 5.56
N ALA B 195 0.08 -4.55 4.57
CA ALA B 195 1.45 -5.05 4.70
C ALA B 195 2.18 -4.42 5.87
N PHE B 196 2.00 -3.11 6.07
CA PHE B 196 2.66 -2.43 7.18
C PHE B 196 2.07 -2.89 8.49
N GLY B 197 0.76 -3.12 8.49
CA GLY B 197 0.10 -3.58 9.70
C GLY B 197 0.56 -4.98 10.07
N ARG B 198 0.76 -5.82 9.07
CA ARG B 198 1.21 -7.17 9.34
C ARG B 198 2.65 -7.06 9.83
N LEU B 199 3.37 -6.09 9.28
CA LEU B 199 4.77 -5.85 9.62
C LEU B 199 4.88 -5.57 11.11
N TYR B 200 4.00 -4.71 11.59
CA TYR B 200 3.94 -4.35 13.00
C TYR B 200 3.53 -5.55 13.88
N ARG B 201 2.54 -6.32 13.44
CA ARG B 201 2.05 -7.48 14.19
C ARG B 201 3.07 -8.60 14.29
N GLU B 202 3.89 -8.75 13.26
CA GLU B 202 4.93 -9.78 13.25
C GLU B 202 6.04 -9.37 14.22
N LYS B 203 6.45 -8.12 14.15
CA LYS B 203 7.50 -7.63 15.03
C LYS B 203 7.02 -7.72 16.48
N LEU B 204 5.76 -7.42 16.72
CA LEU B 204 5.24 -7.49 18.07
C LEU B 204 5.21 -8.96 18.49
N LYS B 205 4.84 -9.81 17.55
CA LYS B 205 4.78 -11.26 17.75
C LYS B 205 6.10 -11.79 18.32
N GLU B 206 7.17 -11.56 17.58
CA GLU B 206 8.49 -12.01 17.98
C GLU B 206 8.83 -11.64 19.42
N GLN B 207 8.69 -10.37 19.77
CA GLN B 207 9.02 -9.91 21.11
C GLN B 207 8.11 -10.48 22.20
N VAL B 208 6.83 -10.58 21.89
CA VAL B 208 5.87 -11.10 22.85
C VAL B 208 6.17 -12.56 23.14
N GLU B 209 6.44 -13.33 22.10
CA GLU B 209 6.78 -14.74 22.30
C GLU B 209 8.12 -14.85 23.03
N ALA B 210 9.03 -13.92 22.75
CA ALA B 210 10.34 -13.93 23.41
C ALA B 210 10.22 -13.73 24.91
N LEU B 211 9.08 -13.23 25.37
CA LEU B 211 8.87 -13.02 26.81
C LEU B 211 8.19 -14.25 27.42
N GLY B 212 7.88 -15.23 26.58
CA GLY B 212 7.26 -16.46 27.07
C GLY B 212 5.78 -16.62 26.76
N TYR B 213 5.14 -15.57 26.24
CA TYR B 213 3.73 -15.67 25.91
C TYR B 213 3.53 -16.48 24.64
N GLU B 214 2.43 -17.21 24.57
CA GLU B 214 2.09 -18.01 23.40
C GLU B 214 1.17 -17.15 22.52
N THR B 215 1.03 -17.52 21.25
CA THR B 215 0.17 -16.77 20.35
C THR B 215 -0.58 -17.71 19.41
N GLU B 216 -1.78 -17.30 19.00
CA GLU B 216 -2.58 -18.11 18.09
C GLU B 216 -3.20 -17.20 17.04
N VAL B 217 -3.18 -17.65 15.79
CA VAL B 217 -3.77 -16.87 14.72
C VAL B 217 -5.28 -16.91 14.91
N VAL B 218 -5.92 -15.75 14.96
CA VAL B 218 -7.35 -15.71 15.14
C VAL B 218 -8.09 -15.29 13.88
N GLY B 219 -7.41 -14.55 13.00
CA GLY B 219 -8.07 -14.12 11.78
C GLY B 219 -7.20 -13.94 10.54
N LYS B 220 -7.76 -13.19 9.59
CA LYS B 220 -7.12 -12.90 8.33
C LYS B 220 -5.89 -12.02 8.49
N HIS B 221 -4.93 -12.19 7.59
CA HIS B 221 -3.68 -11.43 7.57
C HIS B 221 -2.75 -11.63 8.76
N GLY B 222 -2.79 -12.81 9.34
CA GLY B 222 -1.93 -13.10 10.47
C GLY B 222 -2.34 -12.53 11.80
N MET B 223 -3.54 -11.93 11.88
CA MET B 223 -4.02 -11.37 13.13
C MET B 223 -4.00 -12.45 14.21
N TRP B 224 -3.51 -12.07 15.39
CA TRP B 224 -3.39 -13.02 16.49
C TRP B 224 -3.76 -12.44 17.85
N GLU B 225 -3.87 -13.35 18.83
CA GLU B 225 -4.19 -12.99 20.19
C GLU B 225 -3.48 -13.98 21.08
N MET B 226 -3.35 -13.66 22.37
CA MET B 226 -2.71 -14.57 23.29
C MET B 226 -3.83 -15.53 23.72
N PRO B 227 -3.59 -16.85 23.62
CA PRO B 227 -4.55 -17.90 23.99
C PRO B 227 -4.95 -17.85 25.46
N GLY B 228 -6.23 -18.06 25.73
CA GLY B 228 -6.68 -18.05 27.11
C GLY B 228 -7.23 -16.73 27.61
N VAL B 229 -6.66 -15.63 27.12
CA VAL B 229 -7.11 -14.31 27.52
C VAL B 229 -8.51 -14.07 26.94
N PRO B 230 -9.46 -13.64 27.80
CA PRO B 230 -10.85 -13.36 27.41
C PRO B 230 -11.03 -12.06 26.64
N VAL B 231 -10.70 -12.08 25.35
CA VAL B 231 -10.84 -10.90 24.51
C VAL B 231 -12.29 -10.53 24.26
N GLU B 232 -13.15 -11.53 24.22
CA GLU B 232 -14.57 -11.33 23.98
C GLU B 232 -15.23 -10.39 24.97
N ALA B 233 -14.76 -10.41 26.21
CA ALA B 233 -15.32 -9.55 27.24
C ALA B 233 -14.95 -8.09 27.01
N PHE B 234 -14.22 -7.82 25.93
CA PHE B 234 -13.78 -6.47 25.63
C PHE B 234 -13.87 -6.15 24.13
N SER B 235 -14.92 -6.64 23.48
CA SER B 235 -15.14 -6.42 22.05
C SER B 235 -13.99 -6.98 21.22
N SER B 264 -18.85 12.74 17.08
CA SER B 264 -18.50 14.03 17.65
C SER B 264 -17.08 14.00 18.22
N LYS B 265 -16.76 12.94 18.95
CA LYS B 265 -15.42 12.76 19.53
C LYS B 265 -15.16 13.30 20.94
N GLN B 266 -15.28 12.39 21.91
CA GLN B 266 -15.06 12.68 23.33
C GLN B 266 -15.65 11.57 24.19
N HIS B 267 -15.43 11.62 25.50
CA HIS B 267 -15.95 10.55 26.35
C HIS B 267 -16.61 10.99 27.66
N VAL B 268 -16.46 10.16 28.69
CA VAL B 268 -17.04 10.42 30.01
C VAL B 268 -16.29 9.73 31.16
N ASP B 269 -15.52 10.53 31.92
CA ASP B 269 -14.71 10.12 33.07
C ASP B 269 -13.88 8.82 33.02
N PRO B 270 -12.55 8.95 33.18
CA PRO B 270 -11.48 7.93 33.18
C PRO B 270 -11.43 6.91 34.30
N GLU B 271 -11.38 7.40 35.54
CA GLU B 271 -11.30 6.54 36.72
C GLU B 271 -12.43 5.50 36.73
N ILE B 272 -13.62 5.93 36.32
CA ILE B 272 -14.77 5.05 36.26
C ILE B 272 -14.50 3.93 35.27
N LYS B 273 -13.98 4.32 34.11
CA LYS B 273 -13.66 3.40 33.03
C LYS B 273 -12.75 2.29 33.52
N MET B 274 -11.64 2.65 34.15
CA MET B 274 -10.70 1.68 34.67
C MET B 274 -11.42 0.75 35.62
N ALA B 275 -12.11 1.36 36.59
CA ALA B 275 -12.87 0.63 37.59
C ALA B 275 -13.71 -0.48 36.95
N GLU B 276 -14.45 -0.13 35.89
CA GLU B 276 -15.28 -1.09 35.20
C GLU B 276 -14.47 -2.20 34.52
N TRP B 277 -13.39 -1.81 33.86
CA TRP B 277 -12.54 -2.79 33.18
C TRP B 277 -12.06 -3.85 34.14
N MET B 278 -11.60 -3.43 35.32
CA MET B 278 -11.11 -4.37 36.32
C MET B 278 -12.25 -5.25 36.82
N GLN B 279 -13.42 -4.65 37.00
CA GLN B 279 -14.60 -5.37 37.47
C GLN B 279 -15.02 -6.41 36.42
N THR B 280 -15.25 -5.94 35.20
CA THR B 280 -15.65 -6.83 34.12
C THR B 280 -14.60 -7.91 33.90
N LEU B 281 -13.36 -7.59 34.25
CA LEU B 281 -12.25 -8.53 34.11
C LEU B 281 -12.27 -9.56 35.24
N LYS B 282 -12.62 -9.12 36.44
CA LYS B 282 -12.68 -10.01 37.60
C LYS B 282 -13.83 -10.99 37.46
N GLU B 283 -14.90 -10.56 36.78
CA GLU B 283 -16.07 -11.39 36.58
C GLU B 283 -15.85 -12.50 35.55
N THR B 284 -14.73 -12.46 34.85
CA THR B 284 -14.42 -13.48 33.85
C THR B 284 -13.76 -14.68 34.52
N GLY B 285 -13.17 -14.46 35.68
CA GLY B 285 -12.52 -15.54 36.40
C GLY B 285 -11.09 -15.79 35.94
N PHE B 286 -10.71 -15.20 34.80
CA PHE B 286 -9.37 -15.36 34.26
C PHE B 286 -8.32 -14.93 35.28
N ASP B 287 -7.36 -15.81 35.55
CA ASP B 287 -6.30 -15.55 36.52
C ASP B 287 -5.09 -14.88 35.87
N ILE B 288 -4.95 -13.58 36.12
CA ILE B 288 -3.84 -12.81 35.56
C ILE B 288 -2.46 -13.28 35.99
N ARG B 289 -2.15 -13.11 37.26
CA ARG B 289 -0.85 -13.50 37.78
C ARG B 289 -0.44 -14.87 37.26
N ALA B 290 -1.34 -15.83 37.36
CA ALA B 290 -1.08 -17.18 36.90
C ALA B 290 -0.65 -17.19 35.45
N TYR B 291 -1.23 -16.28 34.66
CA TYR B 291 -0.92 -16.19 33.24
C TYR B 291 0.47 -15.59 33.02
N ARG B 292 0.79 -14.52 33.74
CA ARG B 292 2.10 -13.90 33.63
C ARG B 292 3.19 -14.87 34.05
N ASP B 293 2.94 -15.59 35.13
CA ASP B 293 3.90 -16.56 35.65
C ASP B 293 4.08 -17.73 34.70
N ALA B 294 2.98 -18.18 34.10
CA ALA B 294 3.04 -19.29 33.15
C ALA B 294 3.96 -18.91 31.99
N ALA B 295 3.96 -17.62 31.63
CA ALA B 295 4.80 -17.12 30.55
C ALA B 295 6.23 -16.89 31.00
N ASP B 296 6.43 -16.65 32.29
CA ASP B 296 7.77 -16.42 32.83
C ASP B 296 8.55 -17.72 32.99
N GLN B 297 7.95 -18.71 33.61
CA GLN B 297 8.59 -20.00 33.82
C GLN B 297 8.90 -20.64 32.48
N ARG B 298 8.20 -20.17 31.45
CA ARG B 298 8.35 -20.68 30.10
C ARG B 298 9.41 -19.88 29.32
N ALA B 299 9.82 -18.76 29.90
CA ALA B 299 10.83 -17.90 29.28
C ALA B 299 12.15 -18.03 30.03
N ASP B 300 12.09 -17.98 31.35
CA ASP B 300 13.28 -18.08 32.19
C ASP B 300 13.70 -19.54 32.40
MG MG C . -3.65 -12.38 -12.14
MG MG D . -6.61 7.57 20.03
P TMP E . -13.43 8.45 14.49
O1P TMP E . -14.07 7.11 14.30
O2P TMP E . -13.02 9.24 13.28
O5' TMP E . -12.17 8.28 15.44
C5' TMP E . -11.00 7.57 15.03
C4' TMP E . -9.77 8.24 15.61
O4' TMP E . -9.30 9.35 14.79
C3' TMP E . -9.57 8.66 17.07
O3' TMP E . -8.90 7.65 17.82
C2' TMP E . -8.70 9.91 16.97
C1' TMP E . -9.12 10.48 15.62
N1 TMP E . -10.02 11.66 15.52
C2 TMP E . -9.57 12.84 14.95
O2 TMP E . -8.43 13.00 14.52
N3 TMP E . -10.50 13.85 14.92
C4 TMP E . -11.80 13.81 15.39
O4 TMP E . -12.48 14.82 15.38
C5 TMP E . -12.20 12.54 15.97
C5M TMP E . -13.61 12.38 16.45
C6 TMP E . -11.31 11.55 16.01
#